data_3UYP
#
_entry.id   3UYP
#
_cell.length_a   106.600
_cell.length_b   155.880
_cell.length_c   55.910
_cell.angle_alpha   90.000
_cell.angle_beta   90.000
_cell.angle_gamma   90.000
#
_symmetry.space_group_name_H-M   'C 2 2 21'
#
loop_
_entity.id
_entity.type
_entity.pdbx_description
1 polymer 'anti-dengue Mab 4E11'
2 polymer 'Envelope protein'
3 non-polymer GLYCEROL
4 non-polymer 'SULFATE ION'
5 non-polymer 2-AMINO-2-HYDROXYMETHYL-PROPANE-1,3-DIOL
6 water water
#
loop_
_entity_poly.entity_id
_entity_poly.type
_entity_poly.pdbx_seq_one_letter_code
_entity_poly.pdbx_strand_id
1 'polypeptide(L)'
;EVKLLEQSGAELVKPGASVRLSCTASGFNIKDTYMSWVKQRPEQGLEWIGRIDPANGDTKYDPKFQGKATITADTSSNTA
YLHLSSLTSGDTAVYYCSRGWEGFAYWGQGTLVTVSAGGGGSGGGGSGGGGSELVMTQTPASLAVSLGQRATISCRASEN
VDRYGNSFMHWYQQKAGQPPKLLIYRASNLESGIPARFSGSGSRTDFTLTINPVEADDVATYFCQRSNEVPWTFGGGTKL
EIKRPLEHHHHHH
;
A
2 'polypeptide(L)'
;MGMSYTMCSGKFSIDKEMAETQHGTTVVKVKYEGAGAPCKVPIEIRDVNKEKVVGRIISSTPFAENTNSVTNIELEPPFG
DSYIVIGVGDSALTLHWFRKGSSIGKLEHHHHHH
;
B
#
# COMPACT_ATOMS: atom_id res chain seq x y z
N VAL A 2 -11.26 5.40 6.10
CA VAL A 2 -11.22 5.17 7.55
C VAL A 2 -11.15 3.65 7.83
N LYS A 3 -12.05 3.11 8.67
CA LYS A 3 -12.11 1.68 9.01
C LYS A 3 -13.06 0.95 8.04
N LEU A 4 -12.55 0.70 6.83
CA LEU A 4 -13.29 0.05 5.75
C LEU A 4 -13.14 -1.48 5.77
N LEU A 5 -12.15 -1.99 6.50
CA LEU A 5 -11.84 -3.42 6.57
C LEU A 5 -12.23 -4.01 7.91
N GLU A 6 -13.21 -4.92 7.90
CA GLU A 6 -13.73 -5.58 9.09
C GLU A 6 -13.16 -6.99 9.18
N GLN A 7 -12.36 -7.25 10.22
CA GLN A 7 -11.73 -8.56 10.44
C GLN A 7 -12.51 -9.43 11.40
N SER A 8 -12.35 -10.76 11.28
CA SER A 8 -12.99 -11.75 12.15
C SER A 8 -12.32 -11.75 13.54
N GLY A 9 -13.04 -12.29 14.52
CA GLY A 9 -12.60 -12.32 15.92
C GLY A 9 -11.39 -13.17 16.22
N ALA A 10 -10.80 -12.94 17.41
CA ALA A 10 -9.63 -13.65 17.94
C ALA A 10 -9.81 -15.16 17.93
N GLU A 11 -8.71 -15.88 17.64
CA GLU A 11 -8.68 -17.34 17.59
C GLU A 11 -7.80 -17.85 18.73
N LEU A 12 -8.28 -18.88 19.44
CA LEU A 12 -7.58 -19.57 20.51
C LEU A 12 -7.70 -21.04 20.17
N VAL A 13 -6.60 -21.61 19.63
CA VAL A 13 -6.55 -22.98 19.14
C VAL A 13 -5.43 -23.82 19.74
N LYS A 14 -5.50 -25.13 19.54
CA LYS A 14 -4.49 -26.08 19.97
C LYS A 14 -3.53 -26.31 18.80
N PRO A 15 -2.24 -26.65 19.03
CA PRO A 15 -1.34 -26.89 17.89
C PRO A 15 -1.85 -27.96 16.93
N GLY A 16 -1.60 -27.76 15.64
CA GLY A 16 -2.01 -28.68 14.58
C GLY A 16 -3.33 -28.31 13.95
N ALA A 17 -4.04 -27.33 14.57
CA ALA A 17 -5.31 -26.85 14.07
C ALA A 17 -5.10 -25.98 12.84
N SER A 18 -6.21 -25.66 12.19
CA SER A 18 -6.24 -24.78 11.02
CA SER A 18 -6.23 -24.77 11.03
C SER A 18 -7.27 -23.69 11.29
N VAL A 19 -7.00 -22.48 10.81
CA VAL A 19 -7.92 -21.35 10.96
C VAL A 19 -8.10 -20.69 9.61
N ARG A 20 -9.24 -20.03 9.43
CA ARG A 20 -9.52 -19.23 8.25
C ARG A 20 -10.01 -17.90 8.77
N LEU A 21 -9.19 -16.87 8.61
CA LEU A 21 -9.49 -15.51 9.04
C LEU A 21 -10.15 -14.79 7.88
N SER A 22 -11.10 -13.91 8.18
CA SER A 22 -11.82 -13.17 7.15
C SER A 22 -11.61 -11.67 7.28
N CYS A 23 -11.71 -10.98 6.15
CA CYS A 23 -11.56 -9.53 6.06
C CYS A 23 -12.62 -9.01 5.09
N THR A 24 -13.70 -8.41 5.61
CA THR A 24 -14.79 -7.89 4.80
C THR A 24 -14.60 -6.39 4.54
N ALA A 25 -14.61 -6.02 3.27
CA ALA A 25 -14.43 -4.64 2.85
C ALA A 25 -15.76 -3.95 2.53
N SER A 26 -15.79 -2.62 2.71
CA SER A 26 -16.93 -1.77 2.39
C SER A 26 -16.42 -0.43 1.88
N GLY A 27 -17.18 0.18 0.98
CA GLY A 27 -16.85 1.47 0.37
C GLY A 27 -16.06 1.35 -0.93
N PHE A 28 -15.72 0.12 -1.34
CA PHE A 28 -14.98 -0.21 -2.55
C PHE A 28 -15.15 -1.70 -2.90
N ASN A 29 -14.91 -2.06 -4.16
CA ASN A 29 -14.97 -3.45 -4.62
C ASN A 29 -13.55 -4.02 -4.59
N ILE A 30 -13.35 -5.14 -3.87
CA ILE A 30 -12.02 -5.79 -3.72
C ILE A 30 -11.39 -6.19 -5.06
N LYS A 31 -12.23 -6.46 -6.07
CA LYS A 31 -11.86 -6.82 -7.44
C LYS A 31 -10.89 -5.78 -8.05
N ASP A 32 -11.07 -4.50 -7.71
CA ASP A 32 -10.29 -3.37 -8.21
C ASP A 32 -9.04 -3.07 -7.38
N THR A 33 -8.68 -3.95 -6.43
CA THR A 33 -7.54 -3.73 -5.53
C THR A 33 -6.64 -4.95 -5.39
N TYR A 34 -5.64 -4.83 -4.51
CA TYR A 34 -4.76 -5.89 -4.04
C TYR A 34 -5.07 -5.99 -2.56
N MET A 35 -5.40 -7.20 -2.10
CA MET A 35 -5.68 -7.43 -0.68
C MET A 35 -4.50 -8.21 -0.11
N SER A 36 -3.81 -7.65 0.89
CA SER A 36 -2.65 -8.27 1.53
C SER A 36 -2.97 -8.71 2.94
N TRP A 37 -2.17 -9.63 3.45
CA TRP A 37 -2.20 -10.07 4.84
C TRP A 37 -0.82 -9.84 5.42
N VAL A 38 -0.75 -9.38 6.67
CA VAL A 38 0.50 -9.02 7.36
C VAL A 38 0.49 -9.69 8.73
N LYS A 39 1.63 -10.31 9.10
CA LYS A 39 1.79 -10.95 10.39
C LYS A 39 2.61 -10.05 11.32
N GLN A 40 2.25 -10.04 12.61
CA GLN A 40 3.00 -9.31 13.63
C GLN A 40 3.02 -10.10 14.93
N ARG A 41 4.17 -10.73 15.23
CA ARG A 41 4.40 -11.47 16.46
C ARG A 41 4.43 -10.44 17.58
N PRO A 42 3.99 -10.77 18.83
CA PRO A 42 4.02 -9.78 19.91
C PRO A 42 5.40 -9.14 20.09
N GLU A 43 5.42 -7.79 20.09
CA GLU A 43 6.60 -6.91 20.23
C GLU A 43 7.60 -7.00 19.07
N GLN A 44 7.18 -7.57 17.92
CA GLN A 44 8.04 -7.72 16.75
C GLN A 44 7.58 -6.88 15.54
N GLY A 45 8.34 -6.94 14.46
CA GLY A 45 8.07 -6.17 13.26
C GLY A 45 6.93 -6.69 12.40
N LEU A 46 6.60 -5.93 11.36
CA LEU A 46 5.55 -6.30 10.41
C LEU A 46 6.15 -7.24 9.39
N GLU A 47 5.42 -8.31 9.06
CA GLU A 47 5.86 -9.30 8.07
C GLU A 47 4.79 -9.46 7.01
N TRP A 48 5.09 -9.04 5.77
CA TRP A 48 4.14 -9.20 4.66
C TRP A 48 4.02 -10.70 4.36
N ILE A 49 2.80 -11.23 4.40
CA ILE A 49 2.56 -12.65 4.14
C ILE A 49 2.44 -12.88 2.65
N GLY A 50 1.56 -12.10 2.03
CA GLY A 50 1.28 -12.20 0.62
C GLY A 50 0.13 -11.31 0.20
N ARG A 51 -0.23 -11.38 -1.08
CA ARG A 51 -1.33 -10.59 -1.63
C ARG A 51 -2.13 -11.36 -2.65
N ILE A 52 -3.41 -11.03 -2.76
CA ILE A 52 -4.32 -11.58 -3.75
C ILE A 52 -4.85 -10.47 -4.64
N ASP A 53 -5.03 -10.79 -5.92
CA ASP A 53 -5.69 -9.93 -6.89
C ASP A 53 -7.08 -10.61 -6.98
N PRO A 54 -8.11 -10.08 -6.27
CA PRO A 54 -9.43 -10.76 -6.28
C PRO A 54 -10.13 -10.88 -7.63
N ALA A 55 -9.68 -10.12 -8.64
CA ALA A 55 -10.25 -10.16 -9.99
C ALA A 55 -10.00 -11.50 -10.69
N ASN A 56 -8.81 -12.09 -10.52
CA ASN A 56 -8.41 -13.36 -11.14
C ASN A 56 -7.90 -14.42 -10.14
N GLY A 57 -7.88 -14.09 -8.85
CA GLY A 57 -7.42 -15.01 -7.81
C GLY A 57 -5.92 -15.26 -7.78
N ASP A 58 -5.11 -14.43 -8.49
CA ASP A 58 -3.64 -14.55 -8.49
C ASP A 58 -3.13 -14.24 -7.10
N THR A 59 -2.25 -15.09 -6.58
CA THR A 59 -1.66 -14.92 -5.25
C THR A 59 -0.15 -14.99 -5.34
N LYS A 60 0.50 -14.16 -4.51
CA LYS A 60 1.96 -14.12 -4.38
C LYS A 60 2.24 -14.09 -2.90
N TYR A 61 3.25 -14.86 -2.45
CA TYR A 61 3.59 -14.96 -1.04
C TYR A 61 5.04 -14.67 -0.80
N ASP A 62 5.37 -14.23 0.44
CA ASP A 62 6.76 -14.09 0.83
C ASP A 62 7.27 -15.54 0.94
N PRO A 63 8.49 -15.88 0.45
CA PRO A 63 8.97 -17.28 0.55
C PRO A 63 8.78 -17.97 1.91
N LYS A 64 8.92 -17.21 3.01
CA LYS A 64 8.77 -17.67 4.40
C LYS A 64 7.36 -18.23 4.70
N PHE A 65 6.31 -17.64 4.09
CA PHE A 65 4.92 -18.04 4.36
C PHE A 65 4.32 -19.06 3.40
N GLN A 66 5.02 -19.35 2.29
CA GLN A 66 4.59 -20.36 1.32
C GLN A 66 4.53 -21.70 2.07
N GLY A 67 3.42 -22.40 1.96
CA GLY A 67 3.19 -23.66 2.64
C GLY A 67 2.49 -23.54 3.98
N LYS A 68 2.45 -22.32 4.53
CA LYS A 68 1.79 -22.02 5.80
C LYS A 68 0.48 -21.28 5.52
N ALA A 69 0.56 -20.25 4.67
CA ALA A 69 -0.57 -19.38 4.35
C ALA A 69 -1.18 -19.63 2.98
N THR A 70 -2.51 -19.50 2.91
CA THR A 70 -3.30 -19.59 1.69
C THR A 70 -4.28 -18.44 1.73
N ILE A 71 -4.11 -17.49 0.82
CA ILE A 71 -5.00 -16.34 0.73
C ILE A 71 -6.02 -16.61 -0.38
N THR A 72 -7.31 -16.40 -0.08
CA THR A 72 -8.41 -16.54 -1.03
C THR A 72 -9.27 -15.29 -0.96
N ALA A 73 -10.19 -15.14 -1.93
CA ALA A 73 -11.10 -14.01 -1.99
C ALA A 73 -12.44 -14.40 -2.58
N ASP A 74 -13.51 -13.78 -2.08
CA ASP A 74 -14.88 -13.99 -2.55
C ASP A 74 -15.40 -12.60 -2.90
N THR A 75 -15.35 -12.24 -4.20
CA THR A 75 -15.79 -10.93 -4.70
C THR A 75 -17.28 -10.64 -4.47
N SER A 76 -18.13 -11.68 -4.43
N SER A 76 -18.14 -11.69 -4.42
CA SER A 76 -19.58 -11.57 -4.20
CA SER A 76 -19.59 -11.56 -4.19
C SER A 76 -19.90 -11.02 -2.80
C SER A 76 -19.92 -11.04 -2.80
N SER A 77 -19.14 -11.47 -1.78
CA SER A 77 -19.32 -11.02 -0.39
C SER A 77 -18.27 -9.96 -0.02
N ASN A 78 -17.42 -9.56 -1.01
CA ASN A 78 -16.36 -8.56 -0.88
C ASN A 78 -15.42 -8.88 0.30
N THR A 79 -15.08 -10.18 0.44
CA THR A 79 -14.27 -10.68 1.56
C THR A 79 -13.00 -11.36 1.10
N ALA A 80 -11.88 -11.06 1.79
CA ALA A 80 -10.59 -11.70 1.58
C ALA A 80 -10.37 -12.64 2.76
N TYR A 81 -9.70 -13.78 2.53
CA TYR A 81 -9.48 -14.78 3.57
C TYR A 81 -8.02 -15.16 3.70
N LEU A 82 -7.62 -15.57 4.91
CA LEU A 82 -6.29 -16.07 5.21
C LEU A 82 -6.44 -17.40 5.91
N HIS A 83 -5.99 -18.47 5.25
CA HIS A 83 -6.00 -19.81 5.82
C HIS A 83 -4.61 -20.11 6.31
N LEU A 84 -4.51 -20.58 7.55
CA LEU A 84 -3.24 -20.96 8.15
C LEU A 84 -3.36 -22.43 8.54
N SER A 85 -2.44 -23.26 8.05
CA SER A 85 -2.47 -24.71 8.31
C SER A 85 -1.45 -25.12 9.36
N SER A 86 -1.64 -26.34 9.93
CA SER A 86 -0.76 -26.99 10.93
C SER A 86 -0.16 -25.97 11.88
N LEU A 87 -1.03 -25.28 12.64
CA LEU A 87 -0.63 -24.20 13.53
C LEU A 87 0.31 -24.61 14.66
N THR A 88 1.33 -23.78 14.90
CA THR A 88 2.34 -23.97 15.95
C THR A 88 2.41 -22.69 16.78
N SER A 89 3.10 -22.73 17.94
CA SER A 89 3.30 -21.55 18.80
C SER A 89 3.98 -20.39 18.05
N GLY A 90 4.77 -20.72 17.02
CA GLY A 90 5.42 -19.75 16.14
C GLY A 90 4.44 -18.95 15.30
N ASP A 91 3.20 -19.44 15.17
CA ASP A 91 2.15 -18.75 14.42
C ASP A 91 1.34 -17.78 15.28
N THR A 92 1.57 -17.77 16.61
CA THR A 92 0.88 -16.85 17.54
C THR A 92 1.27 -15.44 17.15
N ALA A 93 0.27 -14.65 16.71
CA ALA A 93 0.49 -13.29 16.24
C ALA A 93 -0.81 -12.57 15.97
N VAL A 94 -0.70 -11.28 15.67
CA VAL A 94 -1.81 -10.47 15.23
C VAL A 94 -1.67 -10.48 13.70
N TYR A 95 -2.77 -10.81 13.02
CA TYR A 95 -2.82 -10.87 11.57
C TYR A 95 -3.68 -9.74 11.04
N TYR A 96 -3.10 -8.89 10.19
CA TYR A 96 -3.82 -7.76 9.61
C TYR A 96 -4.11 -8.04 8.15
N CYS A 97 -5.24 -7.55 7.67
CA CYS A 97 -5.56 -7.57 6.25
C CYS A 97 -5.40 -6.10 5.85
N SER A 98 -5.06 -5.87 4.58
CA SER A 98 -4.86 -4.50 4.11
C SER A 98 -5.19 -4.37 2.64
N ARG A 99 -5.46 -3.13 2.21
CA ARG A 99 -5.71 -2.81 0.80
C ARG A 99 -4.65 -1.80 0.36
N GLY A 100 -4.21 -1.92 -0.88
CA GLY A 100 -3.27 -0.98 -1.47
C GLY A 100 -2.09 -1.59 -2.18
N TRP A 101 -1.51 -0.80 -3.10
CA TRP A 101 -0.30 -1.17 -3.82
C TRP A 101 0.76 -0.12 -3.50
N GLU A 102 0.43 1.18 -3.67
CA GLU A 102 1.33 2.29 -3.37
C GLU A 102 1.19 2.59 -1.88
N GLY A 103 1.62 1.63 -1.07
CA GLY A 103 1.46 1.69 0.37
C GLY A 103 0.09 1.15 0.75
N PHE A 104 -0.07 0.74 2.01
CA PHE A 104 -1.33 0.22 2.50
C PHE A 104 -2.05 1.33 3.25
N ALA A 105 -2.96 2.05 2.55
CA ALA A 105 -3.71 3.16 3.13
C ALA A 105 -4.83 2.67 4.05
N TYR A 106 -5.23 1.40 3.87
CA TYR A 106 -6.33 0.79 4.63
C TYR A 106 -5.85 -0.46 5.32
N TRP A 107 -6.14 -0.56 6.62
CA TRP A 107 -5.80 -1.71 7.44
C TRP A 107 -7.02 -2.14 8.23
N GLY A 108 -7.11 -3.43 8.48
CA GLY A 108 -8.13 -3.99 9.36
C GLY A 108 -7.64 -3.78 10.78
N GLN A 109 -8.48 -4.08 11.78
CA GLN A 109 -8.15 -3.92 13.20
C GLN A 109 -7.12 -4.94 13.70
N GLY A 110 -6.95 -6.03 12.96
CA GLY A 110 -6.05 -7.12 13.33
C GLY A 110 -6.81 -8.23 14.04
N THR A 111 -6.40 -9.47 13.78
CA THR A 111 -6.99 -10.65 14.41
C THR A 111 -5.90 -11.38 15.17
N LEU A 112 -6.09 -11.51 16.50
CA LEU A 112 -5.14 -12.25 17.31
C LEU A 112 -5.38 -13.75 17.14
N VAL A 113 -4.33 -14.49 16.79
CA VAL A 113 -4.38 -15.94 16.66
C VAL A 113 -3.42 -16.46 17.72
N THR A 114 -3.94 -17.19 18.72
CA THR A 114 -3.14 -17.75 19.80
C THR A 114 -3.16 -19.26 19.69
N VAL A 115 -1.97 -19.85 19.59
CA VAL A 115 -1.79 -21.30 19.50
C VAL A 115 -1.12 -21.68 20.82
N SER A 116 -1.92 -22.25 21.74
CA SER A 116 -1.42 -22.63 23.07
C SER A 116 -0.82 -24.02 23.10
N ALA A 117 0.52 -24.07 23.05
CA ALA A 117 1.29 -25.31 23.04
C ALA A 117 1.68 -25.78 24.43
N VAL A 135 16.86 -7.56 0.03
CA VAL A 135 16.67 -7.31 1.45
C VAL A 135 16.39 -5.83 1.74
N MET A 136 15.56 -5.58 2.76
CA MET A 136 15.22 -4.23 3.19
C MET A 136 15.96 -3.96 4.48
N THR A 137 16.85 -2.97 4.49
CA THR A 137 17.62 -2.64 5.69
C THR A 137 17.22 -1.26 6.21
N GLN A 138 16.63 -1.25 7.41
CA GLN A 138 16.18 -0.02 8.05
C GLN A 138 17.13 0.34 9.18
N THR A 139 17.51 1.61 9.29
CA THR A 139 18.41 2.07 10.35
C THR A 139 17.98 3.43 10.94
N PRO A 140 18.11 3.65 12.27
CA PRO A 140 18.60 2.73 13.32
C PRO A 140 17.48 1.79 13.79
N ALA A 141 17.76 0.91 14.77
CA ALA A 141 16.72 0.04 15.33
C ALA A 141 15.83 0.90 16.26
N SER A 142 16.46 1.89 16.93
CA SER A 142 15.77 2.84 17.78
C SER A 142 16.59 4.11 17.89
N LEU A 143 15.92 5.22 18.19
CA LEU A 143 16.54 6.52 18.34
C LEU A 143 15.74 7.40 19.30
N ALA A 144 16.43 8.32 19.95
CA ALA A 144 15.81 9.30 20.84
C ALA A 144 16.24 10.70 20.39
N VAL A 145 15.28 11.63 20.33
CA VAL A 145 15.53 13.02 19.96
C VAL A 145 14.81 13.91 20.97
N SER A 146 15.27 15.16 21.14
CA SER A 146 14.59 16.10 22.02
C SER A 146 13.35 16.63 21.30
N LEU A 147 12.34 17.08 22.06
CA LEU A 147 11.13 17.68 21.48
C LEU A 147 11.49 18.89 20.65
N GLY A 148 10.88 19.02 19.49
CA GLY A 148 11.12 20.14 18.58
C GLY A 148 12.31 19.95 17.64
N GLN A 149 13.07 18.86 17.81
CA GLN A 149 14.23 18.57 16.97
C GLN A 149 13.86 17.72 15.75
N ARG A 150 14.79 17.58 14.80
CA ARG A 150 14.63 16.79 13.59
C ARG A 150 15.06 15.35 13.86
N ALA A 151 14.24 14.38 13.41
CA ALA A 151 14.56 12.95 13.48
C ALA A 151 14.55 12.42 12.06
N THR A 152 15.54 11.57 11.73
CA THR A 152 15.63 10.96 10.41
C THR A 152 15.77 9.46 10.55
N ILE A 153 15.03 8.72 9.71
CA ILE A 153 15.02 7.26 9.72
C ILE A 153 15.33 6.83 8.30
N SER A 154 16.24 5.88 8.14
CA SER A 154 16.67 5.46 6.81
C SER A 154 16.28 4.06 6.42
N CYS A 155 16.10 3.85 5.12
CA CYS A 155 15.78 2.58 4.51
C CYS A 155 16.68 2.38 3.30
N ARG A 156 17.39 1.25 3.24
CA ARG A 156 18.25 0.91 2.11
C ARG A 156 17.76 -0.41 1.52
N ALA A 157 17.40 -0.40 0.22
CA ALA A 157 16.96 -1.58 -0.50
C ALA A 157 18.15 -2.19 -1.24
N SER A 158 18.22 -3.54 -1.32
CA SER A 158 19.31 -4.25 -2.00
C SER A 158 19.26 -4.06 -3.54
N GLU A 159 18.10 -3.65 -4.06
CA GLU A 159 17.85 -3.37 -5.47
C GLU A 159 16.99 -2.12 -5.61
N ASN A 160 16.98 -1.51 -6.81
CA ASN A 160 16.17 -0.34 -7.15
C ASN A 160 14.67 -0.72 -6.99
N VAL A 161 13.85 0.19 -6.44
CA VAL A 161 12.41 -0.07 -6.19
C VAL A 161 11.47 0.72 -7.14
N ASP A 162 11.98 1.08 -8.33
CA ASP A 162 11.21 1.84 -9.31
C ASP A 162 10.27 0.99 -10.15
N ARG A 163 9.08 1.54 -10.43
CA ARG A 163 8.06 1.03 -11.33
C ARG A 163 7.47 2.25 -11.99
N TYR A 164 7.41 2.24 -13.34
CA TYR A 164 6.88 3.34 -14.16
C TYR A 164 7.58 4.69 -13.92
N GLY A 165 8.85 4.63 -13.52
CA GLY A 165 9.66 5.81 -13.21
C GLY A 165 9.45 6.36 -11.81
N ASN A 166 8.68 5.64 -10.96
CA ASN A 166 8.38 6.06 -9.59
C ASN A 166 8.94 5.08 -8.56
N SER A 167 9.45 5.60 -7.43
CA SER A 167 9.99 4.78 -6.35
C SER A 167 8.86 4.24 -5.48
N PHE A 168 8.67 2.91 -5.48
CA PHE A 168 7.62 2.27 -4.68
C PHE A 168 8.13 1.98 -3.27
N MET A 169 8.42 3.05 -2.52
CA MET A 169 8.90 3.01 -1.13
C MET A 169 7.91 3.77 -0.27
N HIS A 170 7.42 3.12 0.78
CA HIS A 170 6.39 3.70 1.65
C HIS A 170 6.79 3.69 3.11
N TRP A 171 6.23 4.61 3.91
CA TRP A 171 6.52 4.71 5.35
C TRP A 171 5.25 4.61 6.17
N TYR A 172 5.36 3.92 7.31
CA TYR A 172 4.25 3.70 8.23
C TYR A 172 4.63 4.09 9.65
N GLN A 173 3.61 4.45 10.44
CA GLN A 173 3.77 4.71 11.86
C GLN A 173 2.90 3.66 12.55
N GLN A 174 3.39 3.09 13.63
CA GLN A 174 2.59 2.16 14.42
C GLN A 174 2.75 2.50 15.88
N LYS A 175 1.66 2.94 16.50
CA LYS A 175 1.67 3.24 17.92
C LYS A 175 1.28 1.96 18.66
N ALA A 176 1.71 1.83 19.93
CA ALA A 176 1.46 0.68 20.81
C ALA A 176 0.01 0.21 20.83
N GLY A 177 -0.19 -1.07 20.51
CA GLY A 177 -1.47 -1.74 20.48
C GLY A 177 -2.45 -1.29 19.41
N GLN A 178 -1.94 -0.64 18.34
CA GLN A 178 -2.78 -0.14 17.25
CA GLN A 178 -2.74 -0.10 17.23
C GLN A 178 -2.32 -0.68 15.88
N PRO A 179 -3.20 -0.70 14.83
CA PRO A 179 -2.72 -1.15 13.52
C PRO A 179 -1.77 -0.08 12.94
N PRO A 180 -0.84 -0.41 12.02
CA PRO A 180 0.00 0.65 11.44
C PRO A 180 -0.83 1.60 10.58
N LYS A 181 -0.30 2.79 10.35
CA LYS A 181 -0.96 3.74 9.47
C LYS A 181 0.02 4.34 8.48
N LEU A 182 -0.43 4.50 7.23
CA LEU A 182 0.40 5.03 6.15
C LEU A 182 0.71 6.52 6.36
N LEU A 183 1.99 6.89 6.22
CA LEU A 183 2.46 8.28 6.39
C LEU A 183 2.84 8.86 5.05
N ILE A 184 3.71 8.14 4.33
CA ILE A 184 4.31 8.52 3.06
C ILE A 184 4.17 7.37 2.09
N TYR A 185 3.76 7.66 0.85
CA TYR A 185 3.65 6.67 -0.21
C TYR A 185 4.40 7.19 -1.43
N ARG A 186 4.91 6.27 -2.29
CA ARG A 186 5.64 6.60 -3.51
C ARG A 186 6.83 7.53 -3.18
N ALA A 187 7.60 7.14 -2.13
CA ALA A 187 8.79 7.78 -1.58
C ALA A 187 8.63 9.16 -0.91
N SER A 188 7.81 10.06 -1.48
CA SER A 188 7.72 11.44 -0.99
C SER A 188 6.32 12.04 -0.87
N ASN A 189 5.26 11.25 -1.12
CA ASN A 189 3.91 11.79 -1.09
C ASN A 189 3.24 11.64 0.27
N LEU A 190 2.82 12.78 0.83
CA LEU A 190 2.20 12.85 2.14
C LEU A 190 0.76 12.33 2.09
N GLU A 191 0.46 11.34 2.93
CA GLU A 191 -0.88 10.75 3.02
C GLU A 191 -1.82 11.78 3.66
N SER A 192 -3.07 11.87 3.17
CA SER A 192 -4.07 12.82 3.71
C SER A 192 -4.31 12.55 5.20
N GLY A 193 -4.42 13.62 5.97
CA GLY A 193 -4.61 13.53 7.42
C GLY A 193 -3.32 13.44 8.22
N ILE A 194 -2.16 13.35 7.52
CA ILE A 194 -0.84 13.27 8.17
C ILE A 194 -0.20 14.66 8.23
N PRO A 195 0.30 15.10 9.42
CA PRO A 195 0.92 16.44 9.50
C PRO A 195 2.11 16.62 8.56
N ALA A 196 2.28 17.86 8.02
CA ALA A 196 3.36 18.21 7.10
C ALA A 196 4.77 18.10 7.71
N ARG A 197 4.84 17.88 9.04
CA ARG A 197 6.13 17.67 9.72
C ARG A 197 6.77 16.33 9.29
N PHE A 198 5.95 15.43 8.68
CA PHE A 198 6.41 14.15 8.14
C PHE A 198 6.73 14.35 6.66
N SER A 199 7.93 13.95 6.24
CA SER A 199 8.32 14.06 4.84
C SER A 199 9.19 12.88 4.46
N GLY A 200 9.15 12.52 3.19
CA GLY A 200 9.93 11.42 2.65
C GLY A 200 10.79 11.89 1.51
N SER A 201 11.98 11.31 1.39
CA SER A 201 12.90 11.66 0.31
C SER A 201 13.65 10.43 -0.14
N GLY A 202 14.29 10.54 -1.29
CA GLY A 202 15.09 9.48 -1.87
C GLY A 202 14.59 8.98 -3.20
N SER A 203 15.49 8.29 -3.88
CA SER A 203 15.32 7.64 -5.16
C SER A 203 16.36 6.52 -5.15
N ARG A 204 16.41 5.71 -6.22
CA ARG A 204 17.33 4.59 -6.38
C ARG A 204 17.16 3.53 -5.27
N THR A 205 18.10 3.46 -4.32
CA THR A 205 18.07 2.46 -3.24
C THR A 205 18.02 3.03 -1.82
N ASP A 206 18.30 4.34 -1.64
CA ASP A 206 18.33 4.97 -0.31
C ASP A 206 17.19 5.94 -0.05
N PHE A 207 16.42 5.66 1.00
CA PHE A 207 15.25 6.47 1.34
C PHE A 207 15.28 6.93 2.77
N THR A 208 14.68 8.11 3.02
CA THR A 208 14.69 8.71 4.35
C THR A 208 13.32 9.26 4.72
N LEU A 209 12.90 8.97 5.96
CA LEU A 209 11.70 9.54 6.55
C LEU A 209 12.22 10.60 7.51
N THR A 210 11.71 11.83 7.38
CA THR A 210 12.08 12.95 8.24
C THR A 210 10.85 13.38 9.04
N ILE A 211 11.04 13.59 10.34
CA ILE A 211 10.02 14.09 11.25
C ILE A 211 10.62 15.37 11.80
N ASN A 212 10.04 16.50 11.42
CA ASN A 212 10.60 17.80 11.81
C ASN A 212 9.52 18.89 11.90
N PRO A 213 9.24 19.46 13.09
CA PRO A 213 9.81 19.13 14.41
C PRO A 213 9.16 17.90 15.03
N VAL A 214 9.92 17.12 15.81
CA VAL A 214 9.36 15.94 16.49
C VAL A 214 8.44 16.43 17.63
N GLU A 215 7.27 15.79 17.75
CA GLU A 215 6.29 16.08 18.80
C GLU A 215 6.19 14.85 19.70
N ALA A 216 5.73 15.03 20.94
CA ALA A 216 5.60 13.94 21.91
C ALA A 216 4.74 12.78 21.40
N ASP A 217 3.68 13.10 20.64
CA ASP A 217 2.76 12.13 20.05
C ASP A 217 3.39 11.35 18.86
N ASP A 218 4.67 11.63 18.51
CA ASP A 218 5.36 10.91 17.43
C ASP A 218 6.06 9.63 17.91
N VAL A 219 6.06 9.41 19.24
CA VAL A 219 6.62 8.22 19.88
C VAL A 219 5.85 7.01 19.34
N ALA A 220 6.55 6.14 18.60
CA ALA A 220 5.96 5.00 17.90
C ALA A 220 7.07 4.22 17.22
N THR A 221 6.68 3.14 16.51
CA THR A 221 7.60 2.37 15.68
C THR A 221 7.28 2.71 14.22
N TYR A 222 8.32 3.01 13.45
CA TYR A 222 8.21 3.39 12.05
C TYR A 222 8.77 2.28 11.19
N PHE A 223 8.09 2.01 10.07
CA PHE A 223 8.51 0.97 9.14
C PHE A 223 8.52 1.49 7.73
N CYS A 224 9.54 1.08 6.95
CA CYS A 224 9.57 1.35 5.52
C CYS A 224 9.06 0.08 4.84
N GLN A 225 8.65 0.17 3.57
CA GLN A 225 8.16 -0.97 2.81
C GLN A 225 8.31 -0.69 1.33
N ARG A 226 8.72 -1.70 0.57
CA ARG A 226 8.81 -1.60 -0.89
C ARG A 226 7.64 -2.41 -1.48
N SER A 227 7.16 -2.02 -2.66
CA SER A 227 6.05 -2.73 -3.31
C SER A 227 6.12 -2.78 -4.84
N ASN A 228 7.29 -2.43 -5.42
CA ASN A 228 7.47 -2.45 -6.89
C ASN A 228 7.25 -3.85 -7.46
N GLU A 229 7.82 -4.86 -6.79
CA GLU A 229 7.71 -6.27 -7.15
C GLU A 229 7.54 -7.07 -5.88
N VAL A 230 6.96 -8.27 -5.98
CA VAL A 230 6.82 -9.16 -4.83
C VAL A 230 8.20 -9.76 -4.45
N PRO A 231 8.55 -9.96 -3.16
CA PRO A 231 7.75 -9.69 -1.95
C PRO A 231 7.71 -8.21 -1.56
N TRP A 232 6.56 -7.76 -1.03
CA TRP A 232 6.39 -6.37 -0.60
C TRP A 232 6.91 -6.23 0.84
N THR A 233 8.22 -6.48 1.01
CA THR A 233 8.96 -6.50 2.25
C THR A 233 8.96 -5.20 3.04
N PHE A 234 8.70 -5.32 4.35
CA PHE A 234 8.79 -4.22 5.29
C PHE A 234 10.21 -4.22 5.85
N GLY A 235 10.70 -3.04 6.23
CA GLY A 235 11.97 -2.91 6.94
C GLY A 235 11.73 -3.43 8.35
N GLY A 236 12.82 -3.65 9.10
CA GLY A 236 12.76 -4.19 10.46
C GLY A 236 12.09 -3.32 11.51
N GLY A 237 11.92 -2.04 11.19
CA GLY A 237 11.31 -1.08 12.09
C GLY A 237 12.29 -0.25 12.89
N THR A 238 11.86 0.96 13.28
CA THR A 238 12.65 1.89 14.08
C THR A 238 11.75 2.46 15.16
N LYS A 239 12.13 2.25 16.43
CA LYS A 239 11.38 2.75 17.57
C LYS A 239 11.84 4.19 17.86
N LEU A 240 10.90 5.16 17.84
CA LEU A 240 11.24 6.56 18.13
C LEU A 240 10.82 6.91 19.56
N GLU A 241 11.76 7.45 20.35
CA GLU A 241 11.53 7.88 21.73
C GLU A 241 11.92 9.35 21.89
N ILE A 242 11.45 10.01 22.95
CA ILE A 242 11.85 11.39 23.23
C ILE A 242 12.99 11.33 24.25
N LYS A 243 14.09 12.07 24.01
CA LYS A 243 15.25 12.15 24.90
C LYS A 243 14.79 12.60 26.30
N ARG A 244 15.17 11.82 27.32
CA ARG A 244 14.82 12.06 28.72
C ARG A 244 15.55 13.28 29.27
N TYR B 5 -20.24 19.48 -12.06
CA TYR B 5 -18.98 18.94 -11.55
C TYR B 5 -17.78 19.53 -12.30
N THR B 6 -16.63 19.61 -11.61
CA THR B 6 -15.38 20.15 -12.15
C THR B 6 -14.24 19.13 -12.08
N MET B 7 -13.05 19.49 -12.61
CA MET B 7 -11.86 18.64 -12.60
C MET B 7 -11.34 18.50 -11.18
N CYS B 8 -10.86 17.30 -10.82
CA CYS B 8 -10.29 17.04 -9.50
C CYS B 8 -9.04 17.89 -9.31
N SER B 9 -8.92 18.53 -8.14
CA SER B 9 -7.77 19.39 -7.83
C SER B 9 -6.66 18.60 -7.16
N GLY B 10 -7.01 17.52 -6.48
CA GLY B 10 -6.09 16.69 -5.70
C GLY B 10 -5.23 15.70 -6.45
N LYS B 11 -4.59 14.82 -5.67
CA LYS B 11 -3.66 13.79 -6.14
C LYS B 11 -4.31 12.43 -6.36
N PHE B 12 -3.65 11.56 -7.13
CA PHE B 12 -4.13 10.23 -7.43
C PHE B 12 -3.08 9.17 -7.15
N SER B 13 -3.53 7.95 -6.88
CA SER B 13 -2.68 6.79 -6.65
C SER B 13 -3.22 5.63 -7.48
N ILE B 14 -2.37 4.64 -7.76
CA ILE B 14 -2.74 3.46 -8.55
C ILE B 14 -2.92 2.25 -7.60
N ASP B 15 -4.09 1.57 -7.69
CA ASP B 15 -4.43 0.44 -6.82
C ASP B 15 -3.85 -0.90 -7.23
N LYS B 16 -3.54 -1.06 -8.52
CA LYS B 16 -3.02 -2.33 -9.08
C LYS B 16 -2.05 -2.03 -10.20
N GLU B 17 -1.30 -3.05 -10.66
CA GLU B 17 -0.41 -2.92 -11.82
C GLU B 17 -1.26 -2.55 -13.03
N MET B 18 -0.73 -1.67 -13.90
CA MET B 18 -1.44 -1.32 -15.13
C MET B 18 -1.50 -2.57 -15.99
N ALA B 19 -2.70 -2.90 -16.47
CA ALA B 19 -2.90 -4.12 -17.25
C ALA B 19 -3.13 -3.85 -18.73
N GLU B 20 -2.34 -4.54 -19.56
CA GLU B 20 -2.46 -4.47 -21.01
C GLU B 20 -3.51 -5.51 -21.42
N THR B 21 -4.55 -5.07 -22.15
CA THR B 21 -5.61 -5.94 -22.63
C THR B 21 -5.15 -6.65 -23.91
N GLN B 22 -5.97 -7.56 -24.43
CA GLN B 22 -5.67 -8.27 -25.67
C GLN B 22 -6.04 -7.41 -26.90
N HIS B 23 -6.61 -6.20 -26.66
CA HIS B 23 -7.04 -5.24 -27.68
C HIS B 23 -6.08 -4.05 -27.90
N GLY B 24 -4.85 -4.18 -27.43
CA GLY B 24 -3.83 -3.14 -27.54
C GLY B 24 -4.11 -1.90 -26.73
N THR B 25 -4.83 -2.06 -25.61
CA THR B 25 -5.19 -0.96 -24.70
C THR B 25 -4.66 -1.26 -23.29
N THR B 26 -4.58 -0.21 -22.45
CA THR B 26 -4.10 -0.30 -21.07
C THR B 26 -5.22 0.12 -20.12
N VAL B 27 -5.38 -0.61 -19.02
CA VAL B 27 -6.39 -0.32 -17.99
C VAL B 27 -5.66 0.12 -16.72
N VAL B 28 -6.04 1.31 -16.20
CA VAL B 28 -5.48 1.89 -14.98
C VAL B 28 -6.60 1.95 -13.93
N LYS B 29 -6.29 1.57 -12.69
CA LYS B 29 -7.24 1.56 -11.58
C LYS B 29 -6.76 2.62 -10.59
N VAL B 30 -7.45 3.76 -10.57
CA VAL B 30 -7.07 4.93 -9.77
C VAL B 30 -7.92 5.21 -8.53
N LYS B 31 -7.27 5.76 -7.51
CA LYS B 31 -7.87 6.17 -6.26
C LYS B 31 -7.58 7.66 -6.07
N TYR B 32 -8.62 8.44 -5.77
CA TYR B 32 -8.49 9.88 -5.54
C TYR B 32 -8.06 10.14 -4.09
N GLU B 33 -7.20 11.14 -3.89
CA GLU B 33 -6.67 11.48 -2.55
C GLU B 33 -7.12 12.85 -2.03
N GLY B 34 -7.50 13.75 -2.94
CA GLY B 34 -7.87 15.13 -2.61
C GLY B 34 -9.30 15.40 -2.18
N ALA B 35 -9.72 16.67 -2.30
CA ALA B 35 -11.04 17.15 -1.92
C ALA B 35 -11.94 17.52 -3.12
N GLY B 36 -13.21 17.77 -2.85
CA GLY B 36 -14.20 18.18 -3.85
C GLY B 36 -14.87 17.06 -4.64
N ALA B 37 -14.72 15.80 -4.20
CA ALA B 37 -15.34 14.66 -4.89
C ALA B 37 -16.85 14.58 -4.62
N PRO B 38 -17.71 14.15 -5.58
CA PRO B 38 -17.39 13.70 -6.94
C PRO B 38 -16.84 14.79 -7.88
N CYS B 39 -15.72 14.47 -8.55
CA CYS B 39 -15.03 15.34 -9.51
C CYS B 39 -14.46 14.54 -10.67
N LYS B 40 -14.19 15.21 -11.81
CA LYS B 40 -13.67 14.57 -13.01
C LYS B 40 -12.17 14.30 -12.93
N VAL B 41 -11.77 13.08 -13.28
CA VAL B 41 -10.35 12.66 -13.24
C VAL B 41 -9.54 13.29 -14.38
N PRO B 42 -8.53 14.16 -14.09
CA PRO B 42 -7.69 14.69 -15.17
C PRO B 42 -6.70 13.62 -15.60
N ILE B 43 -6.82 13.14 -16.85
CA ILE B 43 -5.95 12.09 -17.37
C ILE B 43 -5.59 12.33 -18.85
N GLU B 44 -4.29 12.25 -19.16
CA GLU B 44 -3.77 12.40 -20.52
C GLU B 44 -2.48 11.61 -20.71
N ILE B 45 -2.17 11.26 -21.97
CA ILE B 45 -0.96 10.54 -22.34
C ILE B 45 -0.04 11.52 -23.06
N ARG B 46 1.22 11.61 -22.61
CA ARG B 46 2.23 12.50 -23.21
C ARG B 46 3.35 11.70 -23.85
N ASP B 47 4.08 12.33 -24.80
CA ASP B 47 5.20 11.71 -25.54
C ASP B 47 6.42 11.43 -24.63
N VAL B 48 7.53 10.94 -25.23
CA VAL B 48 8.79 10.62 -24.52
C VAL B 48 9.36 11.84 -23.77
N ASN B 49 9.19 13.05 -24.35
CA ASN B 49 9.66 14.33 -23.80
C ASN B 49 8.71 14.93 -22.74
N LYS B 50 7.54 14.27 -22.47
CA LYS B 50 6.48 14.72 -21.55
C LYS B 50 5.88 16.06 -22.01
N GLU B 51 5.84 16.28 -23.34
CA GLU B 51 5.36 17.52 -23.97
C GLU B 51 3.99 17.37 -24.63
N LYS B 52 3.95 16.91 -25.89
CA LYS B 52 2.70 16.77 -26.68
C LYS B 52 1.78 15.67 -26.21
N VAL B 53 0.45 15.94 -26.26
CA VAL B 53 -0.58 14.97 -25.90
C VAL B 53 -0.70 13.95 -27.04
N VAL B 54 -0.50 12.66 -26.70
CA VAL B 54 -0.53 11.53 -27.63
C VAL B 54 -1.59 10.48 -27.21
N GLY B 55 -1.79 9.46 -28.04
CA GLY B 55 -2.74 8.40 -27.81
C GLY B 55 -4.16 8.90 -27.60
N ARG B 56 -4.92 8.21 -26.73
CA ARG B 56 -6.31 8.57 -26.41
C ARG B 56 -6.81 7.89 -25.14
N ILE B 57 -7.87 8.46 -24.54
CA ILE B 57 -8.55 7.90 -23.37
C ILE B 57 -9.83 7.25 -23.93
N ILE B 58 -10.03 5.95 -23.65
CA ILE B 58 -11.19 5.21 -24.14
C ILE B 58 -12.44 5.44 -23.29
N SER B 59 -12.31 5.33 -21.96
CA SER B 59 -13.38 5.54 -20.98
C SER B 59 -13.98 6.93 -21.12
N SER B 60 -15.32 7.05 -21.00
CA SER B 60 -15.99 8.34 -21.10
C SER B 60 -15.89 9.09 -19.78
N THR B 61 -15.53 10.40 -19.86
CA THR B 61 -15.37 11.33 -18.73
C THR B 61 -15.15 10.63 -17.36
N PRO B 62 -13.98 9.98 -17.12
CA PRO B 62 -13.79 9.27 -15.84
C PRO B 62 -13.97 10.15 -14.60
N PHE B 63 -14.69 9.61 -13.59
CA PHE B 63 -15.03 10.30 -12.35
C PHE B 63 -14.50 9.60 -11.12
N ALA B 64 -14.11 10.40 -10.11
CA ALA B 64 -13.71 9.90 -8.80
C ALA B 64 -14.94 10.23 -7.94
N GLU B 65 -15.67 9.19 -7.50
CA GLU B 65 -16.89 9.34 -6.71
C GLU B 65 -16.60 9.86 -5.30
N ASN B 66 -15.53 9.35 -4.68
CA ASN B 66 -15.04 9.70 -3.35
C ASN B 66 -13.56 9.32 -3.24
N THR B 67 -12.97 9.35 -2.01
CA THR B 67 -11.57 9.02 -1.77
C THR B 67 -11.33 7.55 -1.38
N ASN B 68 -12.35 6.70 -1.54
CA ASN B 68 -12.25 5.28 -1.20
C ASN B 68 -12.47 4.35 -2.38
N SER B 69 -13.38 4.74 -3.30
CA SER B 69 -13.72 3.98 -4.49
C SER B 69 -12.56 3.95 -5.49
N VAL B 70 -12.59 2.99 -6.43
CA VAL B 70 -11.56 2.86 -7.46
C VAL B 70 -12.18 3.20 -8.82
N THR B 71 -11.53 4.10 -9.58
CA THR B 71 -11.99 4.47 -10.91
C THR B 71 -11.22 3.68 -11.96
N ASN B 72 -11.94 2.88 -12.76
N ASN B 72 -11.96 2.91 -12.77
CA ASN B 72 -11.35 2.06 -13.82
CA ASN B 72 -11.44 2.11 -13.86
C ASN B 72 -11.27 2.89 -15.11
C ASN B 72 -11.28 3.02 -15.07
N ILE B 73 -10.04 3.18 -15.57
CA ILE B 73 -9.79 4.00 -16.75
C ILE B 73 -9.09 3.19 -17.84
N GLU B 74 -9.77 3.03 -18.99
CA GLU B 74 -9.18 2.37 -20.14
C GLU B 74 -8.61 3.44 -21.06
N LEU B 75 -7.36 3.24 -21.47
CA LEU B 75 -6.67 4.18 -22.36
C LEU B 75 -5.85 3.44 -23.40
N GLU B 76 -5.43 4.16 -24.44
CA GLU B 76 -4.66 3.58 -25.52
C GLU B 76 -3.40 4.39 -25.75
N PRO B 77 -2.29 4.04 -25.06
CA PRO B 77 -1.04 4.76 -25.29
C PRO B 77 -0.48 4.43 -26.68
N PRO B 78 0.34 5.31 -27.32
CA PRO B 78 0.87 4.96 -28.65
C PRO B 78 2.00 3.93 -28.52
N PHE B 79 2.49 3.43 -29.66
CA PHE B 79 3.60 2.47 -29.67
C PHE B 79 4.88 3.19 -29.22
N GLY B 80 5.73 2.47 -28.48
CA GLY B 80 6.96 3.02 -27.93
C GLY B 80 6.77 3.64 -26.56
N ASP B 81 7.68 4.55 -26.18
CA ASP B 81 7.66 5.21 -24.88
C ASP B 81 6.63 6.33 -24.79
N SER B 82 5.87 6.35 -23.68
CA SER B 82 4.87 7.39 -23.38
C SER B 82 4.70 7.58 -21.86
N TYR B 83 4.03 8.68 -21.46
CA TYR B 83 3.81 8.98 -20.05
C TYR B 83 2.33 9.24 -19.77
N ILE B 84 1.74 8.40 -18.92
CA ILE B 84 0.35 8.53 -18.49
C ILE B 84 0.37 9.50 -17.30
N VAL B 85 -0.25 10.68 -17.47
CA VAL B 85 -0.28 11.74 -16.46
C VAL B 85 -1.68 11.82 -15.84
N ILE B 86 -1.77 11.49 -14.54
CA ILE B 86 -3.03 11.49 -13.80
C ILE B 86 -2.99 12.60 -12.75
N GLY B 87 -3.91 13.55 -12.85
CA GLY B 87 -3.97 14.70 -11.96
C GLY B 87 -3.45 15.97 -12.60
N VAL B 88 -3.36 17.06 -11.80
CA VAL B 88 -2.89 18.37 -12.28
C VAL B 88 -1.58 18.87 -11.64
N GLY B 89 -0.82 19.64 -12.40
CA GLY B 89 0.44 20.27 -11.98
C GLY B 89 1.57 19.33 -11.62
N ASP B 90 2.46 19.79 -10.70
CA ASP B 90 3.62 19.04 -10.22
C ASP B 90 3.24 17.93 -9.22
N SER B 91 1.99 17.94 -8.74
CA SER B 91 1.43 16.95 -7.81
C SER B 91 0.91 15.73 -8.57
N ALA B 92 0.79 15.84 -9.92
CA ALA B 92 0.27 14.80 -10.80
C ALA B 92 1.14 13.55 -10.85
N LEU B 93 0.48 12.39 -10.85
CA LEU B 93 1.11 11.07 -10.94
C LEU B 93 1.48 10.81 -12.41
N THR B 94 2.79 10.65 -12.67
CA THR B 94 3.32 10.37 -14.01
C THR B 94 3.75 8.90 -14.06
N LEU B 95 3.20 8.16 -15.02
CA LEU B 95 3.48 6.74 -15.18
C LEU B 95 4.14 6.47 -16.52
N HIS B 96 5.40 5.99 -16.50
CA HIS B 96 6.11 5.64 -17.72
C HIS B 96 5.56 4.32 -18.28
N TRP B 97 5.26 4.33 -19.58
CA TRP B 97 4.73 3.16 -20.27
C TRP B 97 5.46 2.94 -21.59
N PHE B 98 5.75 1.67 -21.90
CA PHE B 98 6.37 1.28 -23.16
C PHE B 98 5.45 0.28 -23.84
N ARG B 99 5.01 0.59 -25.07
CA ARG B 99 4.13 -0.29 -25.83
C ARG B 99 4.92 -0.97 -26.96
N LYS B 100 4.99 -2.31 -26.90
CA LYS B 100 5.68 -3.14 -27.89
C LYS B 100 4.80 -3.36 -29.10
#